data_2QA5
#
_entry.id   2QA5
#
_cell.length_a   162.960
_cell.length_b   53.920
_cell.length_c   110.270
_cell.angle_alpha   90.000
_cell.angle_beta   128.370
_cell.angle_gamma   90.000
#
_symmetry.space_group_name_H-M   'C 1 2 1'
#
loop_
_entity.id
_entity.type
_entity.pdbx_description
1 polymer Septin-2
2 non-polymer "GUANOSINE-5'-DIPHOSPHATE"
#
_entity_poly.entity_id   1
_entity_poly.type   'polypeptide(L)'
_entity_poly.pdbx_seq_one_letter_code
;MSKQQPTQFINPETPGYVGFANLPNQVHRKSVKKGFEFTL(MSE)VVGESGLGKSTLINSLFLTDLYPERVIPGAAEKIE
RTVQIEASTVEIEERGVKLRLTVVDTPGYGDAINCRDCFKTIISYIDEQFERYLHDESGLNRRHIIDNRVHCCFYFISPF
GHGLKPLDVAF(MSE)KAIHNKVNIVPVIAKADTLTLKERERLKKRILDEIEEHNIKIYHLPDAESDEDEDFKEQTRLLK
ASIPFSVVGSNQLIEAKGKKVRGRLYPWGVVEVENPEHNDFLKLRT(MSE)LITH(MSE)QDLQEVTQDLHYENFRSERL
KRGGRKVENED
;
_entity_poly.pdbx_strand_id   A,B
#
loop_
_chem_comp.id
_chem_comp.type
_chem_comp.name
_chem_comp.formula
GDP RNA linking GUANOSINE-5'-DIPHOSPHATE 'C10 H15 N5 O11 P2'
#
# COMPACT_ATOMS: atom_id res chain seq x y z
N PHE A 20 34.63 -36.95 -28.45
CA PHE A 20 33.33 -37.31 -27.89
C PHE A 20 32.64 -36.10 -27.29
N ALA A 21 33.43 -35.15 -26.81
CA ALA A 21 32.91 -34.06 -25.99
C ALA A 21 32.89 -32.75 -26.78
N ASN A 22 32.62 -32.86 -28.07
CA ASN A 22 31.75 -31.90 -28.75
C ASN A 22 30.27 -32.13 -28.45
N LEU A 23 29.96 -33.29 -27.89
CA LEU A 23 28.58 -33.76 -27.81
C LEU A 23 27.75 -32.79 -26.97
N PRO A 24 28.39 -32.16 -25.99
CA PRO A 24 27.79 -31.05 -25.27
C PRO A 24 27.60 -29.82 -26.17
N ASN A 25 28.51 -29.64 -27.13
CA ASN A 25 28.38 -28.58 -28.14
C ASN A 25 27.28 -28.88 -29.15
N GLN A 26 27.04 -30.16 -29.41
CA GLN A 26 25.97 -30.58 -30.29
C GLN A 26 24.63 -30.18 -29.67
N VAL A 27 24.55 -30.29 -28.34
CA VAL A 27 23.34 -29.91 -27.61
C VAL A 27 23.22 -28.39 -27.45
N HIS A 28 24.36 -27.73 -27.26
CA HIS A 28 24.42 -26.27 -27.16
C HIS A 28 24.00 -25.58 -28.46
N ARG A 29 24.31 -26.19 -29.61
CA ARG A 29 23.92 -25.65 -30.90
C ARG A 29 22.41 -25.83 -31.16
N LYS A 30 21.91 -27.03 -30.92
CA LYS A 30 20.52 -27.38 -31.19
C LYS A 30 19.59 -26.47 -30.39
N SER A 31 20.00 -26.14 -29.16
CA SER A 31 19.21 -25.30 -28.25
C SER A 31 19.01 -23.84 -28.63
N VAL A 32 20.04 -23.21 -29.19
CA VAL A 32 19.94 -21.84 -29.71
C VAL A 32 19.09 -21.76 -30.98
N LYS A 33 19.23 -22.77 -31.86
CA LYS A 33 18.49 -22.87 -33.12
C LYS A 33 16.99 -23.19 -32.98
N LYS A 34 16.59 -23.59 -31.78
CA LYS A 34 15.20 -23.92 -31.50
C LYS A 34 14.54 -22.88 -30.61
N GLY A 35 15.37 -22.15 -29.85
CA GLY A 35 15.62 -22.48 -28.46
C GLY A 35 14.40 -23.06 -27.78
N PHE A 36 13.46 -22.19 -27.42
CA PHE A 36 13.42 -21.63 -26.06
C PHE A 36 12.13 -20.85 -25.84
N GLU A 37 11.46 -21.14 -24.73
CA GLU A 37 10.14 -20.58 -24.46
C GLU A 37 9.70 -20.86 -23.03
N PHE A 38 8.97 -19.91 -22.45
CA PHE A 38 8.74 -19.91 -21.00
C PHE A 38 7.42 -19.21 -20.74
N THR A 39 6.77 -19.57 -19.63
CA THR A 39 5.55 -18.88 -19.18
C THR A 39 5.57 -18.60 -17.68
N LEU A 40 5.30 -17.34 -17.34
CA LEU A 40 5.39 -16.80 -15.98
C LEU A 40 4.03 -16.22 -15.56
N MSE A 41 3.61 -16.49 -14.33
CA MSE A 41 2.31 -16.00 -13.89
C MSE A 41 2.36 -14.96 -12.78
O MSE A 41 3.03 -15.18 -11.77
CB MSE A 41 1.46 -17.08 -13.22
CG MSE A 41 -0.02 -16.72 -13.05
SE MSE A 41 -1.03 -18.04 -12.06
CE MSE A 41 -0.47 -17.64 -10.29
N VAL A 42 1.66 -13.86 -12.97
CA VAL A 42 1.60 -12.80 -11.98
C VAL A 42 0.35 -12.68 -11.11
N VAL A 43 0.52 -12.95 -9.82
CA VAL A 43 -0.51 -12.65 -8.83
C VAL A 43 0.02 -11.69 -7.76
N GLY A 44 -0.76 -10.65 -7.46
CA GLY A 44 -0.67 -9.98 -6.19
C GLY A 44 -1.91 -9.16 -5.88
N GLU A 45 -1.89 -7.89 -6.25
CA GLU A 45 -2.87 -6.93 -5.75
C GLU A 45 -2.78 -5.61 -6.52
N SER A 46 -3.82 -5.30 -7.27
CA SER A 46 -3.83 -4.12 -8.12
C SER A 46 -4.00 -2.85 -7.29
N GLY A 47 -2.92 -2.08 -7.16
CA GLY A 47 -1.71 -2.35 -7.92
C GLY A 47 -0.54 -1.88 -7.10
N LEU A 48 0.41 -2.76 -6.86
CA LEU A 48 1.55 -2.43 -6.02
C LEU A 48 2.73 -2.77 -6.95
N GLY A 49 2.69 -2.28 -8.18
CA GLY A 49 3.85 -2.37 -9.05
C GLY A 49 4.25 -3.58 -9.88
N LYS A 50 3.32 -4.53 -10.04
CA LYS A 50 3.55 -5.77 -10.81
C LYS A 50 3.68 -5.75 -12.34
N SER A 51 2.93 -4.84 -12.97
CA SER A 51 2.91 -4.66 -14.42
C SER A 51 4.12 -3.82 -14.83
N THR A 52 4.48 -2.81 -14.06
CA THR A 52 5.67 -2.03 -14.38
C THR A 52 6.99 -2.76 -14.07
N LEU A 53 7.01 -3.58 -13.03
CA LEU A 53 8.25 -4.26 -12.67
C LEU A 53 8.65 -5.23 -13.77
N ILE A 54 7.65 -5.92 -14.29
CA ILE A 54 7.86 -7.03 -15.20
C ILE A 54 8.32 -6.46 -16.55
N ASN A 55 7.85 -5.27 -16.88
CA ASN A 55 8.35 -4.53 -18.03
C ASN A 55 9.82 -4.21 -17.90
N SER A 56 10.20 -3.77 -16.70
CA SER A 56 11.57 -3.42 -16.39
C SER A 56 12.40 -4.69 -16.53
N LEU A 57 11.93 -5.80 -15.96
CA LEU A 57 12.65 -7.05 -16.01
C LEU A 57 13.11 -7.77 -17.27
N PHE A 58 12.25 -7.84 -18.28
CA PHE A 58 12.60 -8.08 -19.67
C PHE A 58 12.95 -7.01 -20.70
N LEU A 59 12.96 -5.75 -20.28
CA LEU A 59 13.14 -4.61 -21.20
C LEU A 59 12.23 -4.26 -22.36
N THR A 60 10.94 -4.59 -22.20
CA THR A 60 9.86 -4.29 -23.16
C THR A 60 8.51 -4.09 -22.48
N ASP A 61 7.77 -3.08 -22.94
CA ASP A 61 6.45 -2.80 -22.38
C ASP A 61 5.39 -3.76 -22.95
N LEU A 62 4.53 -4.27 -22.08
CA LEU A 62 3.41 -5.10 -22.50
C LEU A 62 2.09 -4.42 -22.13
N THR A 78 -10.50 -12.67 -13.11
CA THR A 78 -10.40 -12.87 -14.56
C THR A 78 -8.93 -13.09 -15.01
N VAL A 79 -8.74 -13.85 -16.09
CA VAL A 79 -7.39 -14.25 -16.54
C VAL A 79 -7.03 -13.75 -17.94
N GLN A 80 -5.87 -13.10 -18.05
CA GLN A 80 -5.39 -12.57 -19.32
C GLN A 80 -3.91 -12.86 -19.55
N ILE A 81 -3.59 -13.29 -20.77
CA ILE A 81 -2.22 -13.60 -21.16
C ILE A 81 -1.63 -12.79 -22.32
N GLU A 82 -0.42 -12.29 -22.16
CA GLU A 82 0.26 -11.58 -23.25
C GLU A 82 1.54 -12.38 -23.48
N ALA A 83 1.75 -12.84 -24.72
CA ALA A 83 2.91 -13.66 -25.10
C ALA A 83 3.57 -12.79 -26.16
N SER A 84 4.86 -12.50 -25.95
CA SER A 84 5.64 -11.66 -26.87
C SER A 84 6.97 -12.38 -26.98
N THR A 85 7.74 -12.04 -28.01
CA THR A 85 8.96 -12.79 -28.40
C THR A 85 10.17 -11.83 -28.35
N VAL A 86 11.22 -12.26 -27.63
CA VAL A 86 12.39 -11.41 -27.34
C VAL A 86 13.71 -12.09 -27.75
N GLU A 87 14.61 -11.33 -28.37
CA GLU A 87 15.89 -11.86 -28.84
C GLU A 87 17.04 -11.24 -28.07
N ILE A 88 18.18 -11.95 -28.05
CA ILE A 88 19.39 -11.48 -27.37
C ILE A 88 20.61 -12.27 -27.86
N GLU A 90 21.70 -14.03 -29.35
CA GLU A 90 21.37 -15.00 -30.40
C GLU A 90 20.11 -15.82 -30.08
N ARG A 91 19.94 -16.17 -28.81
CA ARG A 91 18.80 -16.96 -28.34
C ARG A 91 17.60 -16.01 -28.44
N GLY A 92 16.45 -16.56 -28.80
CA GLY A 92 15.23 -15.77 -28.74
C GLY A 92 14.55 -16.48 -27.60
N VAL A 93 13.84 -15.73 -26.77
CA VAL A 93 12.93 -16.33 -25.77
C VAL A 93 11.49 -16.02 -26.17
N LYS A 94 10.64 -17.05 -26.07
CA LYS A 94 9.22 -16.92 -26.39
C LYS A 94 8.70 -16.83 -24.94
N LEU A 95 8.44 -15.59 -24.51
CA LEU A 95 8.00 -15.27 -23.15
C LEU A 95 6.49 -15.10 -23.24
N ARG A 96 5.77 -15.83 -22.40
CA ARG A 96 4.34 -15.65 -22.23
C ARG A 96 4.09 -15.10 -20.83
N LEU A 97 3.23 -14.09 -20.73
CA LEU A 97 2.93 -13.42 -19.46
C LEU A 97 1.43 -13.37 -19.10
N THR A 98 1.04 -14.27 -18.22
CA THR A 98 -0.35 -14.43 -17.80
C THR A 98 -0.65 -13.68 -16.50
N VAL A 99 -1.03 -12.41 -16.62
CA VAL A 99 -1.34 -11.58 -15.48
C VAL A 99 -2.73 -11.87 -14.91
N VAL A 100 -2.87 -11.73 -13.59
CA VAL A 100 -4.09 -12.12 -12.91
C VAL A 100 -4.71 -10.96 -12.15
N ASP A 101 -6.02 -10.80 -12.30
CA ASP A 101 -6.71 -9.61 -11.83
C ASP A 101 -7.63 -9.92 -10.65
N THR A 102 -7.07 -9.87 -9.44
CA THR A 102 -7.86 -9.55 -8.25
C THR A 102 -7.05 -9.75 -6.98
N LYS A 116 -10.96 -18.82 -6.75
CA LYS A 116 -11.08 -20.16 -7.35
C LYS A 116 -10.87 -20.13 -8.88
N THR A 117 -10.88 -18.92 -9.42
CA THR A 117 -10.74 -18.70 -10.83
C THR A 117 -9.30 -19.01 -11.26
N ILE A 118 -8.32 -18.65 -10.43
CA ILE A 118 -6.92 -18.90 -10.77
C ILE A 118 -6.38 -20.32 -10.84
N ILE A 119 -6.64 -21.13 -9.81
CA ILE A 119 -6.15 -22.51 -9.76
C ILE A 119 -6.81 -23.31 -10.88
N SER A 120 -8.02 -22.91 -11.24
CA SER A 120 -8.73 -23.51 -12.34
C SER A 120 -7.88 -23.40 -13.60
N TYR A 121 -7.51 -22.19 -13.98
CA TYR A 121 -6.69 -21.95 -15.18
C TYR A 121 -5.30 -22.59 -15.21
N ILE A 122 -4.64 -22.65 -14.06
CA ILE A 122 -3.27 -23.17 -13.99
C ILE A 122 -3.36 -24.68 -14.18
N ASP A 123 -4.43 -25.25 -13.63
CA ASP A 123 -4.75 -26.66 -13.79
C ASP A 123 -5.35 -27.05 -15.13
N GLU A 124 -6.12 -26.35 -15.74
CA GLU A 124 -6.59 -26.61 -17.07
C GLU A 124 -5.41 -26.90 -17.99
N GLN A 125 -4.35 -26.10 -17.84
CA GLN A 125 -3.13 -26.25 -18.62
C GLN A 125 -2.51 -27.63 -18.45
N PHE A 126 -2.58 -28.15 -17.21
CA PHE A 126 -2.22 -29.54 -16.93
C PHE A 126 -3.07 -30.57 -17.67
N GLU A 127 -4.38 -30.31 -17.77
CA GLU A 127 -5.33 -31.23 -18.41
C GLU A 127 -5.30 -31.09 -19.93
N ARG A 128 -5.04 -29.88 -20.41
CA ARG A 128 -4.82 -29.65 -21.84
C ARG A 128 -3.67 -30.57 -22.27
N TYR A 129 -2.57 -30.52 -21.52
CA TYR A 129 -1.42 -31.36 -21.78
C TYR A 129 -1.59 -32.87 -21.59
N LEU A 130 -2.29 -33.28 -20.53
CA LEU A 130 -2.56 -34.70 -20.28
C LEU A 130 -3.39 -35.26 -21.43
N HIS A 131 -4.42 -34.52 -21.86
CA HIS A 131 -5.15 -34.91 -23.06
C HIS A 131 -4.17 -35.00 -24.22
N ASP A 132 -3.47 -33.89 -24.49
CA ASP A 132 -2.59 -33.80 -25.64
C ASP A 132 -1.42 -34.77 -25.68
N GLU A 133 -0.78 -34.98 -24.51
CA GLU A 133 0.36 -35.89 -24.37
C GLU A 133 -0.04 -37.33 -24.66
N SER A 134 -1.22 -37.67 -24.13
CA SER A 134 -1.79 -39.00 -24.26
C SER A 134 -2.64 -39.17 -25.52
N GLY A 135 -2.57 -38.22 -26.44
CA GLY A 135 -3.37 -38.27 -27.66
C GLY A 135 -2.59 -39.07 -28.70
N LEU A 136 -3.25 -39.39 -29.82
CA LEU A 136 -2.62 -40.12 -30.93
C LEU A 136 -1.52 -39.41 -31.70
N ASN A 137 -1.66 -38.09 -31.89
CA ASN A 137 -0.63 -37.27 -32.59
C ASN A 137 0.08 -36.32 -31.58
N ARG A 138 1.21 -35.74 -31.99
CA ARG A 138 2.10 -34.92 -31.13
C ARG A 138 3.06 -34.08 -32.01
N ILE A 141 1.14 -30.88 -29.74
CA ILE A 141 1.30 -30.32 -28.40
C ILE A 141 2.07 -29.02 -28.35
N ILE A 142 1.43 -27.98 -27.82
CA ILE A 142 2.07 -26.70 -27.51
C ILE A 142 1.61 -26.40 -26.08
N ASP A 143 2.47 -26.65 -25.09
CA ASP A 143 2.04 -26.67 -23.68
C ASP A 143 2.26 -25.38 -22.88
N ASN A 144 1.16 -24.76 -22.46
CA ASN A 144 1.21 -23.57 -21.63
C ASN A 144 0.93 -23.87 -20.15
N ARG A 145 1.77 -24.71 -19.56
CA ARG A 145 1.86 -24.80 -18.11
C ARG A 145 2.63 -23.62 -17.54
N VAL A 146 2.23 -23.18 -16.35
CA VAL A 146 2.83 -22.00 -15.73
C VAL A 146 4.13 -22.35 -15.04
N HIS A 147 5.25 -22.03 -15.69
CA HIS A 147 6.56 -22.49 -15.24
C HIS A 147 6.80 -22.00 -13.81
N CYS A 148 6.27 -20.82 -13.50
CA CYS A 148 6.57 -20.11 -12.25
C CYS A 148 5.72 -18.86 -12.01
N CYS A 149 5.43 -18.59 -10.75
CA CYS A 149 4.66 -17.41 -10.40
C CYS A 149 5.38 -16.50 -9.41
N PHE A 150 5.21 -15.20 -9.63
CA PHE A 150 5.72 -14.20 -8.73
C PHE A 150 4.44 -13.88 -7.96
N TYR A 151 4.49 -14.02 -6.64
CA TYR A 151 3.41 -13.52 -5.80
C TYR A 151 3.94 -12.20 -5.25
N PHE A 152 3.08 -11.19 -5.23
CA PHE A 152 3.48 -9.86 -4.82
C PHE A 152 2.95 -9.46 -3.45
N ILE A 153 3.85 -9.42 -2.47
CA ILE A 153 3.50 -9.04 -1.11
C ILE A 153 3.70 -7.54 -0.95
N SER A 154 2.75 -6.89 -0.25
CA SER A 154 2.74 -5.45 -0.05
C SER A 154 3.62 -5.01 1.11
N PRO A 155 4.32 -3.87 0.96
CA PRO A 155 5.10 -3.29 2.05
C PRO A 155 4.26 -2.80 3.24
N PHE A 156 2.94 -2.92 3.14
CA PHE A 156 2.07 -2.39 4.19
C PHE A 156 1.55 -3.48 5.11
N GLY A 157 2.49 -4.18 5.74
CA GLY A 157 2.20 -5.24 6.71
C GLY A 157 3.36 -5.43 7.69
N HIS A 158 3.02 -5.52 8.98
CA HIS A 158 4.02 -5.63 10.05
C HIS A 158 4.79 -6.94 9.96
N LEU A 160 2.82 -10.18 6.79
CA LEU A 160 2.31 -11.09 5.76
C LEU A 160 0.80 -11.33 5.82
N LYS A 161 0.06 -10.71 4.88
CA LYS A 161 -1.41 -10.72 4.86
C LYS A 161 -2.06 -12.12 4.72
N PRO A 162 -3.32 -12.30 5.24
CA PRO A 162 -4.00 -13.60 5.31
C PRO A 162 -4.64 -14.20 4.06
N LEU A 163 -5.01 -13.33 3.11
CA LEU A 163 -5.35 -13.73 1.74
C LEU A 163 -4.19 -14.46 1.11
N ASP A 164 -2.99 -13.89 1.30
CA ASP A 164 -1.74 -14.42 0.78
C ASP A 164 -1.38 -15.81 1.28
N VAL A 165 -1.43 -16.04 2.59
CA VAL A 165 -1.08 -17.35 3.14
C VAL A 165 -2.13 -18.36 2.64
N ALA A 166 -3.38 -17.93 2.60
CA ALA A 166 -4.47 -18.77 2.19
C ALA A 166 -4.35 -19.09 0.70
N PHE A 167 -4.02 -18.08 -0.10
CA PHE A 167 -3.82 -18.27 -1.53
C PHE A 167 -2.66 -19.23 -1.80
N MSE A 168 -1.51 -18.95 -1.18
CA MSE A 168 -0.29 -19.70 -1.45
C MSE A 168 -0.45 -21.17 -1.05
O MSE A 168 0.07 -22.07 -1.71
CB MSE A 168 0.89 -19.08 -0.72
CG MSE A 168 1.54 -17.92 -1.45
SE MSE A 168 2.71 -16.86 -0.31
CE MSE A 168 3.88 -16.11 -1.69
N LYS A 169 -1.18 -21.41 0.04
CA LYS A 169 -1.44 -22.75 0.50
C LYS A 169 -1.98 -23.64 -0.62
N ALA A 170 -2.93 -23.10 -1.39
CA ALA A 170 -3.77 -23.94 -2.23
C ALA A 170 -2.96 -24.29 -3.47
N ILE A 171 -2.03 -23.42 -3.85
CA ILE A 171 -1.58 -23.32 -5.22
C ILE A 171 -0.21 -23.98 -5.48
N HIS A 172 0.55 -24.18 -4.40
CA HIS A 172 2.00 -24.31 -4.50
C HIS A 172 2.39 -25.71 -4.95
N ASN A 173 1.41 -26.59 -5.05
CA ASN A 173 1.40 -27.64 -6.09
C ASN A 173 0.60 -27.57 -7.41
N VAL A 175 2.41 -24.87 -8.77
CA VAL A 175 3.14 -23.73 -9.33
C VAL A 175 4.26 -23.18 -8.41
N ASN A 176 5.47 -23.11 -8.96
CA ASN A 176 6.64 -22.58 -8.26
C ASN A 176 6.38 -21.13 -7.88
N ILE A 177 6.54 -20.80 -6.61
CA ILE A 177 6.30 -19.43 -6.13
C ILE A 177 7.58 -18.67 -5.84
N VAL A 178 7.66 -17.47 -6.39
CA VAL A 178 8.68 -16.52 -6.01
C VAL A 178 7.97 -15.42 -5.23
N PRO A 179 8.19 -15.38 -3.91
CA PRO A 179 7.68 -14.28 -3.11
C PRO A 179 8.52 -13.04 -3.35
N VAL A 180 7.88 -11.99 -3.84
CA VAL A 180 8.57 -10.71 -4.05
C VAL A 180 7.83 -9.56 -3.38
N ILE A 181 8.51 -8.87 -2.49
CA ILE A 181 7.94 -7.67 -1.85
C ILE A 181 7.90 -6.51 -2.83
N ALA A 182 6.72 -5.90 -2.95
CA ALA A 182 6.48 -4.91 -4.00
C ALA A 182 6.97 -3.53 -3.60
N LYS A 183 7.49 -2.78 -4.56
CA LYS A 183 7.83 -1.38 -4.36
C LYS A 183 8.78 -1.15 -3.18
N ALA A 184 9.89 -1.88 -3.18
CA ALA A 184 10.81 -1.92 -2.04
C ALA A 184 11.40 -0.66 -1.50
N ASP A 185 11.23 0.44 -2.23
CA ASP A 185 11.78 1.74 -1.84
C ASP A 185 10.94 2.31 -0.70
N THR A 186 9.76 1.74 -0.50
CA THR A 186 8.89 2.08 0.60
C THR A 186 9.50 1.78 1.96
N LEU A 187 10.21 0.68 2.05
CA LEU A 187 10.80 0.22 3.31
C LEU A 187 12.18 0.82 3.52
N THR A 188 12.43 1.37 4.77
CA THR A 188 13.79 1.66 5.22
C THR A 188 14.57 0.38 5.49
N LEU A 189 15.81 0.30 5.40
CA LEU A 189 16.58 -0.97 5.38
C LEU A 189 16.34 -1.87 6.60
N LYS A 190 16.13 -1.29 7.78
CA LYS A 190 15.83 -2.08 8.98
C LYS A 190 14.41 -2.68 8.87
N GLU A 191 13.48 -1.92 8.28
CA GLU A 191 12.12 -2.41 8.03
C GLU A 191 12.14 -3.45 6.92
N ARG A 192 13.04 -3.26 5.96
CA ARG A 192 13.25 -4.22 4.88
C ARG A 192 13.63 -5.63 5.32
N GLU A 193 14.57 -5.76 6.28
CA GLU A 193 15.02 -7.06 6.75
C GLU A 193 14.09 -7.60 7.83
N ARG A 194 13.51 -6.69 8.61
CA ARG A 194 12.63 -7.07 9.71
C ARG A 194 11.37 -7.68 9.12
N LEU A 195 10.94 -7.14 7.99
CA LEU A 195 9.77 -7.64 7.26
C LEU A 195 10.11 -8.94 6.54
N LYS A 196 11.30 -9.00 5.97
CA LYS A 196 11.76 -10.21 5.27
C LYS A 196 11.80 -11.42 6.19
N LYS A 197 12.25 -11.20 7.43
CA LYS A 197 12.33 -12.27 8.42
C LYS A 197 10.96 -12.70 8.92
N ARG A 198 10.01 -11.76 9.03
CA ARG A 198 8.67 -12.12 9.47
C ARG A 198 7.97 -13.02 8.46
N ILE A 199 8.11 -12.66 7.16
CA ILE A 199 7.49 -13.45 6.10
C ILE A 199 8.16 -14.81 6.08
N LEU A 200 9.49 -14.81 6.10
CA LEU A 200 10.30 -16.02 5.97
C LEU A 200 10.00 -17.00 7.11
N ASP A 201 9.80 -16.47 8.32
CA ASP A 201 9.32 -17.27 9.43
C ASP A 201 7.85 -17.68 9.31
N GLU A 202 7.01 -16.78 8.80
CA GLU A 202 5.59 -17.07 8.55
C GLU A 202 5.38 -18.10 7.43
N ILE A 203 6.24 -18.05 6.40
CA ILE A 203 6.17 -18.97 5.26
C ILE A 203 6.34 -20.44 5.61
N GLU A 204 7.34 -20.73 6.44
CA GLU A 204 7.62 -22.09 6.89
C GLU A 204 6.58 -22.59 7.89
N GLU A 205 6.05 -21.67 8.69
CA GLU A 205 5.00 -21.96 9.71
C GLU A 205 3.87 -22.85 9.21
N HIS A 206 3.54 -22.76 7.92
CA HIS A 206 2.46 -23.53 7.33
C HIS A 206 2.94 -24.60 6.34
N ILE A 208 4.44 -23.81 4.23
CA ILE A 208 4.14 -23.43 2.86
C ILE A 208 5.34 -23.78 1.98
N LYS A 209 5.08 -24.48 0.89
CA LYS A 209 6.15 -24.93 0.00
C LYS A 209 6.20 -23.70 -0.91
N ILE A 210 7.37 -23.07 -0.93
CA ILE A 210 7.68 -22.00 -1.87
C ILE A 210 8.55 -22.81 -2.81
N TYR A 211 9.01 -22.19 -3.90
CA TYR A 211 9.97 -22.82 -4.82
C TYR A 211 11.39 -22.87 -4.25
N HIS A 212 11.88 -24.08 -4.01
CA HIS A 212 13.23 -24.28 -3.47
C HIS A 212 14.41 -24.05 -4.41
N LEU A 213 15.14 -22.96 -4.19
CA LEU A 213 16.21 -22.57 -5.09
C LEU A 213 17.46 -23.42 -4.91
N PRO A 214 17.84 -24.22 -5.94
CA PRO A 214 18.85 -25.27 -5.73
C PRO A 214 20.25 -24.71 -5.46
N GLN A 227 28.80 -18.98 -5.60
CA GLN A 227 28.22 -17.66 -5.36
C GLN A 227 26.71 -17.59 -5.65
N THR A 228 26.04 -18.79 -5.72
CA THR A 228 24.59 -18.83 -5.60
C THR A 228 24.22 -18.58 -4.13
N ARG A 229 25.34 -18.53 -3.33
CA ARG A 229 25.31 -18.37 -1.87
C ARG A 229 24.58 -17.13 -1.37
N LEU A 230 24.85 -15.99 -2.01
CA LEU A 230 24.30 -14.69 -1.59
C LEU A 230 22.83 -14.51 -1.95
N LEU A 231 22.42 -15.08 -3.09
CA LEU A 231 21.03 -15.02 -3.54
C LEU A 231 20.06 -15.68 -2.57
N LYS A 232 20.48 -16.80 -1.97
CA LYS A 232 19.62 -17.59 -1.08
C LYS A 232 19.13 -16.71 0.08
N ALA A 233 20.02 -15.90 0.66
CA ALA A 233 19.64 -15.00 1.74
C ALA A 233 18.71 -13.82 1.47
N SER A 234 18.87 -13.22 0.29
CA SER A 234 18.12 -12.02 -0.12
C SER A 234 16.68 -12.31 -0.55
N ILE A 235 16.39 -13.58 -0.83
CA ILE A 235 15.03 -14.05 -1.14
C ILE A 235 14.33 -14.15 0.22
N PRO A 236 13.10 -13.59 0.33
CA PRO A 236 12.23 -13.03 -0.69
C PRO A 236 12.87 -11.72 -1.17
N PHE A 237 12.74 -11.46 -2.47
CA PHE A 237 13.29 -10.23 -3.05
C PHE A 237 12.41 -9.05 -2.82
N SER A 238 13.04 -7.90 -2.63
CA SER A 238 12.32 -6.66 -2.48
C SER A 238 12.74 -5.82 -3.66
N VAL A 239 11.85 -5.67 -4.64
CA VAL A 239 12.19 -5.04 -5.92
C VAL A 239 11.70 -3.60 -6.04
N VAL A 240 12.33 -2.84 -6.94
CA VAL A 240 11.89 -1.48 -7.24
C VAL A 240 11.85 -1.17 -8.74
N GLY A 241 10.68 -1.33 -9.37
CA GLY A 241 10.58 -1.14 -10.81
C GLY A 241 10.15 0.19 -11.40
N SER A 242 10.91 0.69 -12.39
CA SER A 242 10.51 1.89 -13.14
C SER A 242 10.95 1.89 -14.60
N ASN A 243 10.16 2.53 -15.45
CA ASN A 243 10.41 2.62 -16.89
C ASN A 243 10.59 4.05 -17.36
N GLN A 244 10.68 4.94 -16.35
CA GLN A 244 11.19 6.28 -16.53
C GLN A 244 12.72 6.12 -16.40
N LEU A 245 13.48 7.19 -16.62
CA LEU A 245 14.96 7.11 -16.54
C LEU A 245 15.64 8.44 -16.17
N ILE A 246 16.31 8.45 -15.02
CA ILE A 246 16.92 9.67 -14.50
C ILE A 246 18.40 9.50 -14.07
N GLU A 247 19.10 10.63 -13.90
CA GLU A 247 20.50 10.68 -13.52
C GLU A 247 20.74 10.00 -12.18
N VAL A 253 20.04 4.79 -16.98
CA VAL A 253 19.91 4.06 -15.72
C VAL A 253 18.53 4.25 -15.11
N ARG A 254 17.68 3.22 -15.23
CA ARG A 254 16.31 3.25 -14.70
C ARG A 254 16.25 3.56 -13.20
N GLY A 255 15.30 4.41 -12.80
CA GLY A 255 14.95 4.54 -11.40
C GLY A 255 13.95 5.65 -11.17
N ARG A 256 13.79 6.07 -9.92
CA ARG A 256 12.72 6.98 -9.53
C ARG A 256 13.28 8.31 -9.06
N LEU A 257 12.46 9.35 -9.15
CA LEU A 257 12.89 10.70 -8.77
C LEU A 257 12.12 11.19 -7.55
N TYR A 258 12.75 11.11 -6.39
CA TYR A 258 12.32 11.88 -5.23
C TYR A 258 13.23 13.07 -4.98
N PRO A 259 12.69 14.09 -4.32
CA PRO A 259 13.38 15.38 -4.21
C PRO A 259 14.44 15.37 -3.11
N TRP A 260 14.48 14.29 -2.33
CA TRP A 260 15.51 14.11 -1.31
C TRP A 260 16.65 13.22 -1.80
N GLY A 261 16.37 12.40 -2.80
CA GLY A 261 17.35 11.48 -3.33
C GLY A 261 16.80 10.72 -4.52
N VAL A 262 17.66 9.92 -5.14
CA VAL A 262 17.29 9.16 -6.33
C VAL A 262 17.43 7.64 -6.15
N VAL A 263 16.34 6.92 -6.40
CA VAL A 263 16.33 5.47 -6.28
C VAL A 263 16.59 4.53 -7.46
N GLU A 264 17.76 3.91 -7.48
CA GLU A 264 18.21 3.17 -8.64
C GLU A 264 17.53 1.81 -8.73
N VAL A 265 16.94 1.51 -9.88
CA VAL A 265 16.71 0.13 -10.30
C VAL A 265 18.08 -0.54 -10.27
N GLU A 266 18.11 -1.80 -9.87
CA GLU A 266 19.23 -2.69 -10.17
C GLU A 266 20.60 -2.56 -9.52
N ASN A 267 20.63 -2.08 -8.29
CA ASN A 267 21.84 -1.53 -7.69
C ASN A 267 22.42 -2.29 -6.50
N PRO A 268 21.63 -3.19 -5.93
CA PRO A 268 21.76 -3.56 -4.52
C PRO A 268 22.96 -2.87 -3.87
N HIS A 270 20.47 -1.84 -2.26
CA HIS A 270 19.84 -0.64 -2.81
C HIS A 270 18.45 -0.97 -3.38
N ASN A 271 18.36 -2.06 -4.23
CA ASN A 271 17.06 -2.29 -4.85
C ASN A 271 16.69 -3.78 -4.82
N ASP A 272 17.55 -4.68 -5.04
CA ASP A 272 17.20 -6.11 -5.11
C ASP A 272 16.34 -6.43 -6.32
N PHE A 273 16.44 -5.64 -7.38
CA PHE A 273 15.70 -5.98 -8.58
C PHE A 273 16.63 -6.86 -9.38
N LEU A 274 17.94 -6.62 -9.24
CA LEU A 274 18.95 -7.35 -10.00
C LEU A 274 19.04 -8.79 -9.56
N LYS A 275 18.92 -9.02 -8.26
CA LYS A 275 19.02 -10.37 -7.73
C LYS A 275 17.88 -11.20 -8.30
N LEU A 276 16.66 -10.64 -8.30
CA LEU A 276 15.49 -11.28 -8.90
C LEU A 276 15.60 -11.43 -10.41
N ARG A 277 16.09 -10.39 -11.09
CA ARG A 277 16.22 -10.44 -12.55
C ARG A 277 17.03 -11.65 -12.97
N THR A 278 18.21 -11.83 -12.37
CA THR A 278 19.06 -12.96 -12.73
C THR A 278 18.64 -14.26 -12.09
N MSE A 279 17.86 -14.19 -11.01
CA MSE A 279 17.38 -15.38 -10.31
C MSE A 279 16.63 -16.13 -11.40
O MSE A 279 16.81 -17.34 -11.54
CB MSE A 279 16.61 -14.97 -9.06
CG MSE A 279 16.14 -16.12 -8.16
SE MSE A 279 14.57 -17.05 -8.84
CE MSE A 279 13.82 -17.71 -7.19
N LEU A 280 15.79 -15.44 -12.16
CA LEU A 280 15.03 -16.10 -13.21
C LEU A 280 15.68 -16.59 -14.50
N ILE A 281 16.62 -15.81 -15.03
CA ILE A 281 17.32 -16.15 -16.28
C ILE A 281 18.28 -17.30 -16.01
N THR A 282 18.90 -17.24 -14.84
CA THR A 282 19.80 -18.27 -14.37
C THR A 282 19.05 -19.56 -14.01
N HIS A 283 17.77 -19.42 -13.65
CA HIS A 283 16.95 -20.60 -13.35
C HIS A 283 15.73 -20.57 -14.25
N MSE A 284 15.84 -21.16 -15.44
CA MSE A 284 14.62 -21.50 -16.17
C MSE A 284 14.71 -23.06 -16.17
O MSE A 284 14.32 -23.73 -17.13
CB MSE A 284 14.46 -20.85 -17.56
CG MSE A 284 14.41 -19.29 -17.54
SE MSE A 284 13.43 -18.28 -18.98
CE MSE A 284 14.17 -16.54 -18.73
N GLN A 285 15.26 -23.60 -15.07
CA GLN A 285 15.06 -25.00 -14.67
C GLN A 285 13.77 -25.10 -13.86
N ASP A 286 13.11 -23.94 -13.70
CA ASP A 286 11.72 -23.92 -13.28
C ASP A 286 10.92 -24.73 -14.29
N LEU A 287 11.42 -24.78 -15.54
CA LEU A 287 10.81 -25.56 -16.62
C LEU A 287 10.66 -27.05 -16.27
N GLN A 288 11.70 -27.65 -15.72
CA GLN A 288 11.70 -29.07 -15.36
C GLN A 288 10.95 -29.37 -14.09
N GLU A 289 11.01 -28.43 -13.15
CA GLU A 289 10.37 -28.54 -11.85
C GLU A 289 8.88 -28.74 -12.00
N VAL A 290 8.29 -27.90 -12.84
CA VAL A 290 6.89 -27.97 -13.21
C VAL A 290 6.60 -29.30 -13.91
N THR A 291 7.48 -29.67 -14.83
CA THR A 291 7.23 -30.75 -15.76
C THR A 291 7.20 -32.10 -15.03
N GLN A 292 8.13 -32.30 -14.09
CA GLN A 292 8.31 -33.61 -13.44
C GLN A 292 7.47 -33.69 -12.18
N ASP A 293 7.58 -32.67 -11.33
CA ASP A 293 6.96 -32.68 -10.01
C ASP A 293 5.50 -32.23 -9.95
N LEU A 294 5.20 -31.11 -10.59
CA LEU A 294 3.86 -30.56 -10.51
C LEU A 294 2.91 -31.26 -11.49
N HIS A 295 3.32 -31.42 -12.76
CA HIS A 295 2.50 -32.12 -13.78
C HIS A 295 2.33 -33.60 -13.55
N TYR A 296 3.39 -34.27 -13.10
CA TYR A 296 3.36 -35.72 -12.88
C TYR A 296 2.25 -35.98 -11.87
N GLU A 297 2.27 -35.23 -10.78
CA GLU A 297 1.29 -35.41 -9.72
C GLU A 297 -0.15 -35.05 -10.04
N ASN A 298 -0.35 -34.00 -10.84
CA ASN A 298 -1.65 -33.83 -11.47
C ASN A 298 -2.05 -35.07 -12.24
N PHE A 299 -1.09 -35.62 -13.00
CA PHE A 299 -1.29 -36.85 -13.74
C PHE A 299 -1.44 -38.12 -12.92
N ARG A 300 -0.63 -38.28 -11.87
CA ARG A 300 -0.66 -39.49 -11.03
C ARG A 300 -2.00 -39.41 -10.32
N SER A 301 -2.35 -38.19 -9.88
CA SER A 301 -3.62 -37.91 -9.22
C SER A 301 -4.92 -38.01 -10.03
N GLU A 302 -4.91 -37.52 -11.26
CA GLU A 302 -6.14 -37.42 -12.07
C GLU A 302 -6.34 -38.80 -12.70
N ARG A 303 -5.27 -39.54 -12.92
CA ARG A 303 -5.35 -40.91 -13.41
C ARG A 303 -6.12 -41.78 -12.42
N LEU A 304 -5.90 -41.55 -11.11
CA LEU A 304 -6.63 -42.27 -10.07
C LEU A 304 -8.02 -41.71 -9.81
N PHE B 20 -13.74 49.45 26.20
CA PHE B 20 -14.28 48.06 26.18
C PHE B 20 -13.21 47.05 25.82
N ALA B 21 -12.29 47.46 24.95
CA ALA B 21 -11.39 46.52 24.26
C ALA B 21 -10.73 45.46 25.13
N ASN B 22 -10.67 45.73 26.45
CA ASN B 22 -10.24 44.76 27.45
C ASN B 22 -11.05 43.49 27.65
N LEU B 23 -12.23 43.45 27.02
CA LEU B 23 -13.09 42.28 27.09
C LEU B 23 -12.84 41.09 26.17
N PRO B 24 -12.28 41.33 24.96
CA PRO B 24 -11.75 40.18 24.26
C PRO B 24 -10.60 39.63 25.11
N ASN B 25 -9.86 40.53 25.76
CA ASN B 25 -8.77 40.17 26.67
C ASN B 25 -9.28 39.24 27.75
N GLN B 26 -10.39 39.64 28.36
CA GLN B 26 -11.10 38.86 29.37
C GLN B 26 -11.39 37.44 28.86
N VAL B 27 -11.88 37.33 27.62
CA VAL B 27 -12.15 36.03 26.97
C VAL B 27 -10.85 35.24 26.81
N HIS B 28 -9.83 35.91 26.27
CA HIS B 28 -8.50 35.36 26.04
C HIS B 28 -7.83 34.90 27.34
N ARG B 29 -7.92 35.73 28.39
CA ARG B 29 -7.42 35.38 29.71
C ARG B 29 -8.22 34.23 30.31
N LYS B 30 -9.52 34.19 30.02
CA LYS B 30 -10.38 33.11 30.46
C LYS B 30 -9.99 31.75 29.86
N SER B 31 -9.77 31.73 28.55
CA SER B 31 -9.45 30.49 27.83
C SER B 31 -8.15 29.78 28.20
N VAL B 32 -7.08 30.54 28.40
CA VAL B 32 -5.80 30.00 28.84
C VAL B 32 -5.93 29.39 30.23
N LYS B 33 -6.71 30.06 31.09
CA LYS B 33 -7.00 29.60 32.44
C LYS B 33 -7.63 28.23 32.30
N LYS B 34 -8.61 28.12 31.40
CA LYS B 34 -9.57 27.03 31.44
C LYS B 34 -9.07 25.82 30.64
N GLY B 35 -8.55 26.09 29.45
CA GLY B 35 -8.91 25.30 28.27
C GLY B 35 -7.71 24.90 27.43
N PHE B 36 -7.73 23.66 26.96
CA PHE B 36 -8.56 23.28 25.83
C PHE B 36 -9.00 21.83 25.84
N GLU B 37 -9.91 21.48 24.92
CA GLU B 37 -10.29 20.09 24.71
C GLU B 37 -10.45 19.88 23.21
N PHE B 38 -10.35 18.63 22.77
CA PHE B 38 -10.52 18.29 21.37
C PHE B 38 -10.59 16.78 21.20
N THR B 39 -11.30 16.32 20.18
CA THR B 39 -11.36 14.88 19.88
C THR B 39 -11.35 14.60 18.36
N LEU B 40 -10.25 14.02 17.87
CA LEU B 40 -10.14 13.67 16.44
C LEU B 40 -10.18 12.16 16.17
N MSE B 41 -10.75 11.77 15.05
CA MSE B 41 -11.01 10.36 14.77
C MSE B 41 -10.21 9.89 13.55
O MSE B 41 -10.18 10.56 12.52
CB MSE B 41 -12.51 10.12 14.54
CG MSE B 41 -12.90 8.65 14.53
SE MSE B 41 -14.37 8.27 13.30
CE MSE B 41 -15.06 10.08 13.09
N VAL B 42 -9.58 8.72 13.68
CA VAL B 42 -8.69 8.22 12.64
C VAL B 42 -9.25 6.95 12.00
N VAL B 43 -9.81 7.09 10.81
CA VAL B 43 -9.98 5.96 9.91
C VAL B 43 -8.94 5.97 8.80
N GLY B 44 -8.38 4.81 8.49
CA GLY B 44 -8.02 4.48 7.12
C GLY B 44 -7.89 2.98 6.91
N GLU B 45 -6.69 2.45 7.13
CA GLU B 45 -6.36 1.09 6.72
C GLU B 45 -5.07 0.62 7.36
N SER B 46 -5.16 -0.44 8.17
CA SER B 46 -4.02 -0.94 8.91
C SER B 46 -3.09 -1.74 8.01
N GLY B 47 -1.91 -1.19 7.74
CA GLY B 47 -1.52 0.09 8.30
C GLY B 47 -0.68 0.91 7.35
N LEU B 48 -1.13 2.13 7.06
CA LEU B 48 -0.40 3.03 6.17
C LEU B 48 -0.01 4.31 6.91
N GLY B 49 0.36 4.17 8.18
CA GLY B 49 1.21 5.14 8.84
C GLY B 49 0.43 6.05 9.78
N LYS B 50 -0.79 5.62 10.13
CA LYS B 50 -1.70 6.45 10.92
C LYS B 50 -1.34 6.77 12.36
N SER B 51 -0.83 5.76 13.08
CA SER B 51 -0.50 5.89 14.50
C SER B 51 0.93 6.39 14.67
N THR B 52 1.74 6.28 13.61
CA THR B 52 3.09 6.80 13.66
C THR B 52 3.01 8.30 13.34
N LEU B 53 2.07 8.68 12.48
CA LEU B 53 1.85 10.09 12.12
C LEU B 53 1.11 10.96 13.11
N ILE B 54 0.10 10.39 13.76
CA ILE B 54 -0.66 11.08 14.78
C ILE B 54 0.21 11.30 16.01
N ASN B 55 1.14 10.37 16.25
CA ASN B 55 2.20 10.58 17.20
C ASN B 55 3.18 11.68 16.86
N SER B 56 3.53 11.78 15.58
CA SER B 56 4.49 12.78 15.15
C SER B 56 3.84 14.14 15.25
N LEU B 57 2.53 14.18 14.98
CA LEU B 57 1.79 15.44 14.95
C LEU B 57 2.07 16.27 16.20
N PHE B 58 2.11 15.61 17.35
CA PHE B 58 1.95 16.29 18.63
C PHE B 58 3.17 16.07 19.52
N LEU B 59 4.21 15.48 18.95
CA LEU B 59 5.51 15.43 19.61
C LEU B 59 5.44 14.64 20.92
N THR B 60 4.67 13.55 20.91
CA THR B 60 4.71 12.58 22.02
C THR B 60 4.16 11.28 21.41
N ASP B 61 4.37 10.16 22.10
CA ASP B 61 3.88 8.87 21.60
C ASP B 61 2.65 8.44 22.42
N LEU B 62 1.83 7.56 21.84
CA LEU B 62 0.74 6.93 22.59
C LEU B 62 0.93 5.41 22.70
N THR B 78 -14.07 -2.52 15.15
CA THR B 78 -13.64 -2.45 16.55
C THR B 78 -13.05 -1.07 16.93
N VAL B 79 -13.61 -0.48 17.99
CA VAL B 79 -13.28 0.90 18.42
C VAL B 79 -12.48 0.87 19.72
N GLN B 80 -11.46 1.73 19.80
CA GLN B 80 -10.61 1.84 20.98
C GLN B 80 -10.26 3.32 21.05
N ILE B 81 -10.30 3.89 22.25
CA ILE B 81 -10.08 5.32 22.45
C ILE B 81 -8.90 5.58 23.39
N GLU B 82 -8.12 6.60 23.06
CA GLU B 82 -7.05 7.06 23.93
C GLU B 82 -6.87 8.57 24.20
N ALA B 83 -6.94 8.95 25.47
CA ALA B 83 -6.80 10.35 25.91
C ALA B 83 -5.39 10.69 26.40
N SER B 84 -4.99 11.95 26.23
CA SER B 84 -3.71 12.46 26.73
C SER B 84 -3.59 13.98 26.61
N THR B 85 -2.84 14.57 27.54
CA THR B 85 -2.71 16.03 27.67
C THR B 85 -1.37 16.57 27.18
N VAL B 86 -1.40 17.76 26.61
CA VAL B 86 -0.20 18.46 26.13
C VAL B 86 -0.19 19.87 26.74
N GLU B 87 1.00 20.42 26.97
CA GLU B 87 1.15 21.75 27.56
C GLU B 87 2.01 22.67 26.71
N ILE B 88 1.82 23.98 26.89
CA ILE B 88 2.50 25.01 26.09
C ILE B 88 2.05 26.42 26.50
N GLY B 92 -1.96 23.78 27.62
CA GLY B 92 -3.11 22.98 28.00
C GLY B 92 -4.05 22.59 26.85
N VAL B 93 -3.98 21.33 26.44
CA VAL B 93 -4.86 20.75 25.43
C VAL B 93 -5.23 19.33 25.84
N LYS B 94 -6.53 19.02 25.85
CA LYS B 94 -6.97 17.64 26.11
C LYS B 94 -7.25 17.15 24.69
N LEU B 95 -6.59 16.04 24.33
CA LEU B 95 -6.83 15.37 23.03
C LEU B 95 -7.45 14.03 23.36
N ARG B 96 -8.48 13.66 22.61
CA ARG B 96 -9.01 12.30 22.68
C ARG B 96 -8.82 11.92 21.21
N LEU B 97 -7.84 11.06 20.95
CA LEU B 97 -7.57 10.55 19.60
C LEU B 97 -8.28 9.21 19.59
N THR B 98 -9.45 9.17 18.98
CA THR B 98 -10.21 7.93 18.88
C THR B 98 -9.62 7.31 17.60
N VAL B 99 -8.84 6.23 17.77
CA VAL B 99 -8.25 5.51 16.64
C VAL B 99 -9.30 4.43 16.44
N VAL B 100 -9.62 4.16 15.17
CA VAL B 100 -10.58 3.11 14.86
C VAL B 100 -9.70 1.95 14.40
N ASP B 101 -9.53 0.96 15.28
CA ASP B 101 -8.62 -0.16 15.02
C ASP B 101 -9.32 -1.36 14.39
N LYS B 116 -20.44 0.00 9.35
CA LYS B 116 -21.53 0.76 9.98
C LYS B 116 -21.36 0.89 11.50
N THR B 117 -20.35 0.22 12.04
CA THR B 117 -19.99 0.36 13.44
C THR B 117 -19.50 1.76 13.81
N ILE B 118 -18.83 2.43 12.87
CA ILE B 118 -18.30 3.78 13.14
C ILE B 118 -19.27 4.92 12.86
N ILE B 119 -20.23 4.70 11.96
CA ILE B 119 -21.37 5.61 11.81
C ILE B 119 -22.06 5.63 13.16
N SER B 120 -21.90 4.53 13.89
CA SER B 120 -22.63 4.31 15.12
C SER B 120 -22.04 4.96 16.35
N TYR B 121 -20.71 4.88 16.49
CA TYR B 121 -20.01 5.48 17.62
C TYR B 121 -20.03 7.01 17.65
N ILE B 122 -19.75 7.62 16.52
CA ILE B 122 -19.62 9.09 16.46
C ILE B 122 -20.99 9.69 16.62
N ASP B 123 -21.97 8.96 16.14
CA ASP B 123 -23.37 9.36 16.25
C ASP B 123 -23.95 8.97 17.61
N GLU B 124 -23.38 8.04 18.31
CA GLU B 124 -23.72 7.72 19.69
C GLU B 124 -23.45 8.97 20.50
N GLN B 125 -22.35 9.65 20.17
CA GLN B 125 -21.92 10.85 20.88
C GLN B 125 -22.79 12.09 20.69
N PHE B 126 -23.50 12.15 19.57
CA PHE B 126 -24.48 13.21 19.36
C PHE B 126 -25.57 12.96 20.39
N GLU B 127 -25.88 11.67 20.59
CA GLU B 127 -26.96 11.21 21.47
C GLU B 127 -26.75 11.34 22.98
N ARG B 128 -25.49 11.21 23.41
CA ARG B 128 -25.13 11.38 24.81
C ARG B 128 -25.16 12.87 25.16
N TYR B 129 -24.74 13.72 24.22
CA TYR B 129 -24.81 15.17 24.40
C TYR B 129 -26.18 15.80 24.29
N LEU B 130 -27.05 15.25 23.44
CA LEU B 130 -28.45 15.65 23.45
C LEU B 130 -29.02 15.24 24.81
N HIS B 131 -28.54 14.12 25.33
CA HIS B 131 -28.93 13.71 26.67
C HIS B 131 -28.53 14.55 27.87
N ASP B 132 -27.26 14.96 27.91
CA ASP B 132 -26.70 15.76 29.01
C ASP B 132 -27.20 17.21 29.04
N GLU B 133 -27.53 17.72 27.86
CA GLU B 133 -28.10 19.05 27.67
C GLU B 133 -29.47 18.97 28.34
N SER B 134 -30.20 17.91 28.05
CA SER B 134 -31.61 17.84 28.38
C SER B 134 -31.47 16.54 29.14
N GLY B 135 -31.31 16.64 30.46
CA GLY B 135 -30.57 17.71 31.10
C GLY B 135 -30.78 18.66 32.29
N LEU B 136 -31.32 18.12 33.38
CA LEU B 136 -31.67 18.85 34.61
C LEU B 136 -30.55 19.60 35.36
N ASN B 137 -29.48 18.97 35.68
CA ASN B 137 -28.28 19.58 36.25
C ASN B 137 -27.10 19.51 35.27
N ARG B 138 -26.55 20.58 34.85
CA ARG B 138 -25.54 20.63 33.78
C ARG B 138 -24.19 21.20 34.29
N ARG B 139 -23.12 20.43 34.08
CA ARG B 139 -21.78 20.80 34.54
C ARG B 139 -20.93 21.39 33.43
N ILE B 141 -21.13 18.39 31.97
CA ILE B 141 -21.24 17.97 30.58
C ILE B 141 -19.86 17.87 29.92
N ILE B 142 -19.58 16.71 29.33
CA ILE B 142 -18.28 16.44 28.70
C ILE B 142 -18.59 16.00 27.26
N ASP B 143 -18.22 16.81 26.27
CA ASP B 143 -18.67 16.47 24.91
C ASP B 143 -17.47 15.72 24.29
N ASN B 144 -17.76 14.48 23.90
CA ASN B 144 -16.83 13.60 23.19
C ASN B 144 -17.55 13.50 21.84
N ARG B 145 -17.86 14.65 21.25
CA ARG B 145 -18.33 14.70 19.88
C ARG B 145 -17.01 14.83 19.13
N VAL B 146 -16.84 14.01 18.08
CA VAL B 146 -15.62 13.98 17.28
C VAL B 146 -15.48 15.22 16.41
N HIS B 147 -14.49 16.04 16.73
CA HIS B 147 -14.36 17.35 16.11
C HIS B 147 -13.92 17.22 14.67
N CYS B 148 -13.08 16.23 14.40
CA CYS B 148 -12.57 15.98 13.05
C CYS B 148 -12.21 14.52 12.77
N CYS B 149 -12.30 14.14 11.50
CA CYS B 149 -11.94 12.80 11.06
C CYS B 149 -10.79 12.88 10.07
N PHE B 150 -9.90 11.91 10.16
CA PHE B 150 -8.72 11.88 9.32
C PHE B 150 -8.72 10.61 8.49
N TYR B 151 -9.19 10.72 7.26
CA TYR B 151 -9.24 9.55 6.39
C TYR B 151 -7.98 9.35 5.56
N PHE B 152 -7.26 8.27 5.81
CA PHE B 152 -5.99 8.01 5.13
C PHE B 152 -6.20 7.21 3.86
N ILE B 153 -5.77 7.78 2.74
CA ILE B 153 -5.85 7.09 1.47
C ILE B 153 -4.47 6.57 1.14
N SER B 154 -4.38 5.31 0.69
CA SER B 154 -3.09 4.70 0.38
C SER B 154 -2.59 5.13 -1.00
N PRO B 155 -1.27 5.36 -1.13
CA PRO B 155 -0.63 5.85 -2.36
C PRO B 155 -0.66 4.88 -3.57
N PHE B 156 -0.98 3.61 -3.35
CA PHE B 156 -1.23 2.69 -4.45
C PHE B 156 -2.63 2.62 -5.07
N GLY B 157 -2.84 3.42 -6.10
CA GLY B 157 -4.18 3.74 -6.54
C GLY B 157 -4.07 4.85 -7.57
N HIS B 158 -4.50 4.56 -8.80
CA HIS B 158 -4.75 5.61 -9.79
C HIS B 158 -5.87 6.50 -9.27
N GLY B 159 -6.19 6.36 -7.99
CA GLY B 159 -7.50 5.93 -7.55
C GLY B 159 -7.94 6.77 -6.37
N LEU B 160 -9.21 6.72 -6.03
CA LEU B 160 -9.65 6.63 -4.64
C LEU B 160 -10.62 5.45 -4.61
N LYS B 161 -10.44 4.57 -3.64
CA LYS B 161 -10.97 3.20 -3.73
C LYS B 161 -12.49 3.34 -3.50
N PRO B 162 -13.26 2.25 -3.73
CA PRO B 162 -14.72 2.24 -3.51
C PRO B 162 -15.09 2.26 -2.03
N LEU B 163 -14.28 1.59 -1.21
CA LEU B 163 -14.44 1.59 0.24
C LEU B 163 -14.34 3.03 0.74
N ASP B 164 -13.31 3.73 0.30
CA ASP B 164 -13.04 5.11 0.70
C ASP B 164 -14.23 6.00 0.35
N VAL B 165 -14.78 5.83 -0.84
CA VAL B 165 -15.98 6.57 -1.26
C VAL B 165 -17.19 6.12 -0.44
N ALA B 166 -17.37 4.80 -0.35
CA ALA B 166 -18.49 4.20 0.37
C ALA B 166 -18.60 4.73 1.78
N PHE B 167 -17.45 4.87 2.43
CA PHE B 167 -17.31 5.32 3.81
C PHE B 167 -17.61 6.80 3.94
N MSE B 168 -17.00 7.60 3.07
CA MSE B 168 -17.13 9.05 3.15
C MSE B 168 -18.53 9.53 2.80
O MSE B 168 -18.96 10.58 3.26
CB MSE B 168 -16.10 9.71 2.25
CG MSE B 168 -14.71 9.71 2.84
SE MSE B 168 -13.37 10.10 1.50
CE MSE B 168 -11.94 10.68 2.64
N LYS B 169 -19.25 8.75 2.00
CA LYS B 169 -20.68 8.96 1.75
C LYS B 169 -21.46 8.73 3.04
N ALA B 170 -21.03 7.76 3.85
CA ALA B 170 -21.69 7.45 5.10
C ALA B 170 -21.33 8.43 6.23
N ILE B 171 -20.07 8.84 6.29
CA ILE B 171 -19.62 9.65 7.41
C ILE B 171 -19.51 11.17 7.16
N HIS B 172 -20.01 11.65 6.02
CA HIS B 172 -19.80 13.07 5.65
C HIS B 172 -20.89 13.94 6.29
N ASN B 173 -21.75 13.28 7.08
CA ASN B 173 -22.74 13.94 7.94
C ASN B 173 -22.80 13.31 9.34
N VAL B 175 -19.57 14.12 9.96
CA VAL B 175 -18.37 14.67 10.60
C VAL B 175 -17.32 15.19 9.60
N ASN B 176 -16.49 16.11 10.09
CA ASN B 176 -15.53 16.87 9.26
C ASN B 176 -14.38 16.02 8.80
N ILE B 177 -14.27 15.80 7.49
CA ILE B 177 -13.27 14.89 6.95
C ILE B 177 -12.08 15.64 6.39
N VAL B 178 -10.89 15.27 6.86
CA VAL B 178 -9.65 15.67 6.21
C VAL B 178 -9.09 14.44 5.52
N PRO B 179 -9.08 14.44 4.19
CA PRO B 179 -8.45 13.38 3.44
C PRO B 179 -6.96 13.59 3.47
N VAL B 180 -6.21 12.54 3.82
CA VAL B 180 -4.78 12.66 3.98
C VAL B 180 -4.11 11.52 3.23
N ILE B 181 -3.21 11.85 2.32
CA ILE B 181 -2.53 10.82 1.55
C ILE B 181 -1.37 10.23 2.37
N ALA B 182 -1.52 8.96 2.73
CA ALA B 182 -0.61 8.26 3.63
C ALA B 182 0.72 7.90 3.01
N LYS B 183 1.78 8.01 3.80
CA LYS B 183 3.15 7.62 3.42
C LYS B 183 3.74 8.15 2.09
N ALA B 184 3.64 9.46 1.89
CA ALA B 184 4.02 10.07 0.61
C ALA B 184 5.45 9.99 0.14
N ASP B 185 6.30 9.28 0.89
CA ASP B 185 7.72 9.11 0.53
C ASP B 185 7.72 8.18 -0.67
N THR B 186 6.65 7.40 -0.80
CA THR B 186 6.45 6.45 -1.89
C THR B 186 6.10 7.09 -3.23
N LEU B 187 5.81 8.39 -3.20
CA LEU B 187 5.33 9.12 -4.36
C LEU B 187 6.37 10.07 -4.96
N THR B 188 6.50 10.01 -6.28
CA THR B 188 7.27 10.97 -7.04
C THR B 188 6.49 12.27 -7.06
N LEU B 189 7.17 13.41 -7.20
CA LEU B 189 6.51 14.70 -7.31
C LEU B 189 5.42 14.70 -8.38
N LYS B 190 5.75 14.27 -9.59
CA LYS B 190 4.78 14.17 -10.67
C LYS B 190 3.67 13.19 -10.37
N GLU B 191 4.01 12.15 -9.61
CA GLU B 191 3.05 11.13 -9.17
C GLU B 191 2.14 11.67 -8.07
N ARG B 192 2.71 12.44 -7.15
CA ARG B 192 1.95 13.03 -6.07
C ARG B 192 0.84 13.91 -6.60
N GLU B 193 1.14 14.67 -7.67
CA GLU B 193 0.22 15.64 -8.25
C GLU B 193 -0.96 15.03 -8.95
N ARG B 194 -0.74 13.90 -9.61
CA ARG B 194 -1.81 13.24 -10.33
C ARG B 194 -2.79 12.67 -9.33
N LEU B 195 -2.25 12.07 -8.27
CA LEU B 195 -3.07 11.47 -7.23
C LEU B 195 -3.93 12.53 -6.56
N LYS B 196 -3.32 13.66 -6.20
CA LYS B 196 -4.02 14.75 -5.51
C LYS B 196 -5.20 15.25 -6.31
N LYS B 197 -4.98 15.48 -7.60
CA LYS B 197 -6.02 16.02 -8.46
C LYS B 197 -7.16 15.02 -8.69
N ARG B 198 -6.84 13.75 -8.92
CA ARG B 198 -7.85 12.75 -9.24
C ARG B 198 -8.72 12.44 -8.02
N ILE B 199 -8.20 12.58 -6.82
CA ILE B 199 -8.97 12.43 -5.59
C ILE B 199 -10.00 13.56 -5.48
N LEU B 200 -9.51 14.80 -5.60
CA LEU B 200 -10.32 16.00 -5.52
C LEU B 200 -11.41 15.95 -6.58
N ASP B 201 -11.03 15.55 -7.79
CA ASP B 201 -11.97 15.35 -8.88
C ASP B 201 -13.13 14.44 -8.58
N GLU B 202 -12.82 13.26 -8.03
CA GLU B 202 -13.84 12.25 -7.71
C GLU B 202 -14.73 12.78 -6.59
N ILE B 203 -14.18 13.60 -5.71
CA ILE B 203 -14.93 14.19 -4.58
C ILE B 203 -16.11 15.09 -4.94
N GLU B 204 -15.95 15.88 -6.00
CA GLU B 204 -17.03 16.72 -6.48
C GLU B 204 -17.95 15.86 -7.35
N GLU B 205 -17.41 14.76 -7.87
CA GLU B 205 -18.15 13.83 -8.73
C GLU B 205 -19.18 12.99 -8.00
N HIS B 206 -19.00 12.85 -6.70
CA HIS B 206 -19.96 12.11 -5.88
C HIS B 206 -20.65 13.08 -4.93
N ILE B 208 -19.60 14.35 -2.33
CA ILE B 208 -18.95 14.16 -1.05
C ILE B 208 -18.67 15.51 -0.40
N LYS B 209 -19.39 15.79 0.69
CA LYS B 209 -19.11 16.98 1.46
C LYS B 209 -17.82 16.65 2.18
N ILE B 210 -16.97 17.65 2.32
CA ILE B 210 -15.65 17.51 2.90
C ILE B 210 -15.51 18.70 3.83
N TYR B 211 -14.35 18.89 4.45
CA TYR B 211 -14.20 20.03 5.34
C TYR B 211 -13.96 21.12 4.31
N HIS B 212 -14.88 22.09 4.24
CA HIS B 212 -14.69 23.25 3.38
C HIS B 212 -13.84 24.13 4.28
N LEU B 213 -12.62 24.42 3.85
CA LEU B 213 -11.64 25.09 4.70
C LEU B 213 -11.73 26.62 4.59
N PRO B 214 -12.12 27.31 5.68
CA PRO B 214 -12.33 28.76 5.66
C PRO B 214 -11.26 29.54 4.90
N PHE B 224 0.71 36.85 3.36
CA PHE B 224 -0.27 36.05 4.10
C PHE B 224 -1.26 35.34 3.18
N LYS B 225 -2.03 36.13 2.42
CA LYS B 225 -3.05 35.62 1.50
C LYS B 225 -2.46 34.61 0.51
N GLU B 226 -1.31 34.98 -0.07
CA GLU B 226 -0.54 34.10 -0.95
C GLU B 226 -0.17 32.80 -0.24
N GLN B 227 0.09 32.90 1.06
CA GLN B 227 0.49 31.75 1.88
C GLN B 227 -0.68 30.82 2.20
N THR B 228 -1.80 31.39 2.66
CA THR B 228 -2.97 30.58 3.01
C THR B 228 -3.71 30.06 1.78
N ARG B 229 -3.51 30.68 0.63
CA ARG B 229 -4.02 30.16 -0.63
C ARG B 229 -3.35 28.81 -0.91
N LEU B 230 -2.03 28.77 -0.74
CA LEU B 230 -1.22 27.58 -0.97
C LEU B 230 -1.71 26.41 -0.10
N LEU B 231 -2.00 26.72 1.17
CA LEU B 231 -2.55 25.74 2.10
C LEU B 231 -3.86 25.11 1.64
N LYS B 232 -4.80 25.95 1.21
CA LYS B 232 -6.12 25.53 0.78
C LYS B 232 -5.97 24.76 -0.54
N ALA B 233 -5.00 25.17 -1.36
CA ALA B 233 -4.65 24.41 -2.55
C ALA B 233 -4.15 22.98 -2.45
N SER B 234 -3.09 22.80 -1.65
CA SER B 234 -2.40 21.52 -1.50
C SER B 234 -3.24 20.42 -0.88
N ILE B 235 -4.36 20.79 -0.25
CA ILE B 235 -5.34 19.83 0.23
C ILE B 235 -5.84 19.02 -0.96
N PRO B 236 -5.84 17.68 -0.85
CA PRO B 236 -5.49 16.84 0.32
C PRO B 236 -3.99 16.70 0.60
N PHE B 237 -3.60 16.89 1.85
CA PHE B 237 -2.20 16.87 2.24
C PHE B 237 -1.63 15.45 2.14
N SER B 238 -0.50 15.33 1.43
CA SER B 238 0.33 14.13 1.53
C SER B 238 1.44 14.32 2.57
N VAL B 239 1.71 13.26 3.32
CA VAL B 239 2.44 13.38 4.58
C VAL B 239 3.33 12.17 4.82
N VAL B 240 4.36 12.36 5.65
CA VAL B 240 5.14 11.23 6.16
C VAL B 240 5.33 11.34 7.67
N GLY B 241 5.23 10.21 8.36
CA GLY B 241 5.39 10.17 9.81
C GLY B 241 6.55 9.31 10.28
N SER B 242 7.12 9.66 11.43
CA SER B 242 8.21 8.91 12.07
C SER B 242 8.54 9.47 13.45
N ASN B 243 8.87 8.58 14.39
CA ASN B 243 9.40 8.97 15.69
C ASN B 243 10.92 8.99 15.70
N GLN B 244 11.52 8.31 14.72
CA GLN B 244 12.97 8.21 14.60
C GLN B 244 13.54 9.41 13.86
N LEU B 245 14.71 9.87 14.28
CA LEU B 245 15.34 11.04 13.69
C LEU B 245 16.84 10.86 13.40
N ILE B 246 17.28 11.49 12.31
CA ILE B 246 18.67 11.45 11.87
C ILE B 246 19.05 12.90 11.48
N VAL B 253 16.89 16.31 12.63
CA VAL B 253 15.97 16.15 11.51
C VAL B 253 15.28 14.80 11.55
N ARG B 254 13.95 14.81 11.55
CA ARG B 254 13.17 13.58 11.63
C ARG B 254 12.54 12.92 10.42
N GLY B 255 12.50 11.58 10.44
CA GLY B 255 13.65 10.79 10.02
C GLY B 255 13.23 9.57 9.21
N ARG B 256 13.51 9.61 7.91
CA ARG B 256 13.34 8.44 7.07
C ARG B 256 14.60 8.18 6.24
N LEU B 257 15.32 7.12 6.58
CA LEU B 257 16.68 6.93 6.10
C LEU B 257 16.73 5.92 4.97
N TYR B 258 17.00 6.40 3.75
CA TYR B 258 17.22 5.52 2.61
C TYR B 258 18.64 5.67 2.06
N PRO B 259 19.24 4.56 1.67
CA PRO B 259 20.58 4.56 1.11
C PRO B 259 20.71 5.33 -0.20
N TRP B 260 19.95 6.41 -0.35
CA TRP B 260 20.01 7.26 -1.52
C TRP B 260 19.62 8.66 -1.09
N GLY B 261 18.84 8.74 -0.01
CA GLY B 261 18.30 10.00 0.48
C GLY B 261 17.69 9.95 1.87
N VAL B 262 17.53 11.15 2.44
CA VAL B 262 16.93 11.32 3.75
C VAL B 262 15.56 12.02 3.61
N VAL B 263 14.49 11.27 3.86
CA VAL B 263 13.14 11.84 3.82
C VAL B 263 12.99 12.67 5.08
N GLU B 264 12.52 13.90 4.92
CA GLU B 264 12.66 14.89 5.96
C GLU B 264 11.24 15.39 6.17
N VAL B 265 10.64 15.05 7.30
CA VAL B 265 9.39 15.65 7.73
C VAL B 265 9.58 17.13 8.08
N GLU B 266 8.47 17.85 8.17
CA GLU B 266 8.51 19.31 8.29
C GLU B 266 9.31 20.11 7.26
N ASN B 267 9.04 19.86 5.98
CA ASN B 267 9.69 20.59 4.91
C ASN B 267 8.78 21.19 3.84
N PRO B 268 7.90 20.36 3.29
CA PRO B 268 7.74 20.26 1.83
C PRO B 268 8.62 21.28 1.10
N HIS B 270 9.13 18.47 0.05
CA HIS B 270 9.37 17.15 0.62
C HIS B 270 8.06 16.43 0.91
N ASN B 271 7.58 16.57 2.13
CA ASN B 271 6.30 15.99 2.53
C ASN B 271 5.40 17.01 3.23
N ASP B 272 4.10 16.79 3.16
CA ASP B 272 3.13 17.88 3.34
C ASP B 272 2.75 18.04 4.80
N PHE B 273 3.70 17.80 5.70
CA PHE B 273 3.39 17.45 7.08
C PHE B 273 3.09 18.75 7.79
N LEU B 274 3.78 19.81 7.39
CA LEU B 274 3.65 21.08 8.06
C LEU B 274 2.34 21.78 7.78
N LYS B 275 1.83 21.64 6.56
CA LYS B 275 0.58 22.31 6.20
C LYS B 275 -0.55 21.65 7.00
N LEU B 276 -0.57 20.32 7.04
CA LEU B 276 -1.58 19.57 7.80
C LEU B 276 -1.57 19.84 9.31
N ARG B 277 -0.39 19.75 9.92
CA ARG B 277 -0.21 19.94 11.36
C ARG B 277 -0.62 21.35 11.75
N THR B 278 -0.18 22.33 10.94
CA THR B 278 -0.53 23.73 11.14
C THR B 278 -1.98 24.06 10.74
N MSE B 279 -2.51 23.35 9.74
CA MSE B 279 -3.93 23.46 9.36
C MSE B 279 -4.79 23.04 10.56
O MSE B 279 -5.77 23.68 10.89
CB MSE B 279 -4.22 22.58 8.14
CG MSE B 279 -5.62 22.68 7.51
SE MSE B 279 -6.97 21.47 8.29
CE MSE B 279 -8.23 21.37 6.86
N LEU B 280 -4.39 21.96 11.23
CA LEU B 280 -5.11 21.43 12.37
C LEU B 280 -5.08 22.36 13.57
N ILE B 281 -3.96 23.04 13.79
CA ILE B 281 -3.85 23.95 14.93
C ILE B 281 -4.57 25.28 14.80
N THR B 282 -4.54 25.85 13.60
CA THR B 282 -5.11 27.16 13.32
C THR B 282 -6.63 26.98 13.23
N HIS B 283 -7.07 25.83 12.74
CA HIS B 283 -8.49 25.54 12.64
C HIS B 283 -8.85 24.57 13.75
N MSE B 284 -9.02 25.08 14.96
CA MSE B 284 -9.63 24.25 15.98
C MSE B 284 -10.93 25.02 16.21
O MSE B 284 -11.49 24.99 17.30
CB MSE B 284 -8.82 24.17 17.27
CG MSE B 284 -7.54 23.33 17.13
SE MSE B 284 -7.28 22.03 18.56
CE MSE B 284 -5.53 21.33 17.99
N GLN B 285 -11.40 25.67 15.15
CA GLN B 285 -12.77 26.15 15.05
C GLN B 285 -13.53 25.05 14.29
N ASP B 286 -12.91 23.87 14.17
CA ASP B 286 -13.63 22.65 13.75
C ASP B 286 -14.58 22.30 14.87
N LEU B 287 -14.30 22.87 16.05
CA LEU B 287 -15.13 22.71 17.22
C LEU B 287 -16.53 23.21 16.88
N GLN B 288 -16.60 24.40 16.29
CA GLN B 288 -17.86 25.03 15.91
C GLN B 288 -18.56 24.41 14.72
N GLU B 289 -17.78 24.05 13.70
CA GLU B 289 -18.33 23.46 12.49
C GLU B 289 -19.09 22.21 12.87
N VAL B 290 -18.46 21.38 13.69
CA VAL B 290 -19.00 20.12 14.17
C VAL B 290 -20.18 20.40 15.09
N THR B 291 -20.02 21.40 15.95
CA THR B 291 -21.04 21.73 16.94
C THR B 291 -22.35 22.12 16.25
N GLN B 292 -22.27 23.15 15.40
CA GLN B 292 -23.45 23.75 14.79
C GLN B 292 -24.10 22.97 13.64
N ASP B 293 -23.28 22.51 12.72
CA ASP B 293 -23.73 21.94 11.44
C ASP B 293 -24.17 20.49 11.64
N LEU B 294 -23.35 19.72 12.33
CA LEU B 294 -23.50 18.27 12.33
C LEU B 294 -24.32 17.74 13.51
N HIS B 295 -24.07 18.27 14.72
CA HIS B 295 -24.85 17.88 15.91
C HIS B 295 -26.27 18.39 15.95
N TYR B 296 -26.49 19.61 15.44
CA TYR B 296 -27.83 20.21 15.43
C TYR B 296 -28.68 19.32 14.53
N GLU B 297 -28.12 18.90 13.41
CA GLU B 297 -28.81 18.00 12.51
C GLU B 297 -29.21 16.62 13.02
N ASN B 298 -28.37 16.05 13.87
CA ASN B 298 -28.85 15.02 14.77
C ASN B 298 -29.90 15.45 15.78
N PHE B 299 -29.77 16.67 16.30
CA PHE B 299 -30.74 17.23 17.24
C PHE B 299 -32.08 17.48 16.55
N ARG B 300 -32.03 18.26 15.41
CA ARG B 300 -33.25 18.45 14.63
C ARG B 300 -33.87 17.11 14.26
N SER B 301 -32.97 16.12 13.87
CA SER B 301 -33.42 14.78 13.47
C SER B 301 -34.02 13.74 14.40
N GLU B 302 -33.38 13.49 15.54
CA GLU B 302 -33.94 12.58 16.52
C GLU B 302 -35.09 13.21 17.30
N ARG B 303 -34.98 14.51 17.62
CA ARG B 303 -36.06 15.24 18.27
C ARG B 303 -37.26 15.39 17.34
N LEU B 304 -37.16 14.71 16.16
CA LEU B 304 -38.30 14.53 15.26
C LEU B 304 -38.44 13.05 14.92
PB GDP C . -0.02 -2.76 -10.94
O1B GDP C . -1.38 -2.47 -10.39
O2B GDP C . 0.62 -3.81 -10.09
O3B GDP C . -0.14 -3.20 -12.37
O3A GDP C . 0.85 -1.43 -10.80
PA GDP C . 1.58 -0.83 -12.08
O1A GDP C . 2.92 -1.50 -12.19
O2A GDP C . 0.75 -1.03 -13.32
O5' GDP C . 1.73 0.73 -11.70
C5' GDP C . 2.56 1.05 -10.60
C4' GDP C . 2.54 2.54 -10.23
O4' GDP C . 3.13 2.70 -8.94
C3' GDP C . 3.38 3.34 -11.20
O3' GDP C . 2.55 4.27 -11.91
C2' GDP C . 4.37 4.09 -10.36
O2' GDP C . 3.91 5.43 -10.20
C1' GDP C . 4.36 3.41 -9.00
N9 GDP C . 5.52 2.48 -8.88
C8 GDP C . 5.90 1.55 -9.77
N7 GDP C . 6.98 0.86 -9.35
C5 GDP C . 7.34 1.38 -8.16
C6 GDP C . 8.40 1.10 -7.17
O6 GDP C . 9.25 0.21 -7.37
N1 GDP C . 8.43 1.85 -6.06
C2 GDP C . 7.52 2.81 -5.82
N2 GDP C . 7.62 3.51 -4.67
N3 GDP C . 6.51 3.10 -6.68
C4 GDP C . 6.37 2.43 -7.85
PB GDP D . -0.64 2.26 11.25
O1B GDP D . -0.83 0.78 11.15
O2B GDP D . -1.61 2.96 10.34
O3B GDP D . -0.85 2.65 12.68
O3A GDP D . 0.81 2.71 10.78
PA GDP D . 2.09 2.36 11.65
O1A GDP D . 2.76 3.61 12.09
O2A GDP D . 1.69 1.50 12.83
O5' GDP D . 3.01 1.48 10.67
C5' GDP D . 3.84 2.03 9.67
C4' GDP D . 5.24 1.43 9.83
O4' GDP D . 5.97 1.56 8.61
C3' GDP D . 6.04 2.20 10.88
O3' GDP D . 6.34 1.38 12.00
C2' GDP D . 7.31 2.61 10.16
O2' GDP D . 8.28 1.58 10.35
C1' GDP D . 6.91 2.62 8.69
N9 GDP D . 6.26 3.90 8.27
C8 GDP D . 5.17 4.43 8.85
N7 GDP D . 4.77 5.58 8.27
C5 GDP D . 5.62 5.81 7.28
C6 GDP D . 5.77 6.87 6.27
O6 GDP D . 4.97 7.83 6.24
N1 GDP D . 6.78 6.78 5.42
C2 GDP D . 7.64 5.76 5.44
N2 GDP D . 8.61 5.77 4.52
N3 GDP D . 7.57 4.75 6.35
C4 GDP D . 6.61 4.72 7.28
#